data_1H7G
#
_entry.id   1H7G
#
_cell.length_a   46.040
_cell.length_b   133.580
_cell.length_c   48.410
_cell.angle_alpha   90.00
_cell.angle_beta   102.45
_cell.angle_gamma   90.00
#
_symmetry.space_group_name_H-M   'P 1 21 1'
#
loop_
_entity.id
_entity.type
_entity.pdbx_description
1 polymer '3-DEOXY-MANNO-OCTULOSONATE CYTIDYLYLTRANSFERASE'
2 non-polymer 'MAGNESIUM ION'
3 non-polymer "CYTIDINE-5'-TRIPHOSPHATE"
4 water water
#
_entity_poly.entity_id   1
_entity_poly.type   'polypeptide(L)'
_entity_poly.pdbx_seq_one_letter_code
;SKAVIVIPARYGSSRLPGKPLLDIVGKPMIQHVYERALQVAGVAEVWVATDDPRVEQAVQAFGGKAIMTRNDHESGTDRL
VEVMHKVEADIYINLQGDEPMIRPRDVETLLQGMRDDPALPVATLCHAISAAEAAEPSTVKVVVNTRQDALYFSRSPIPY
PRNAEKARYLKHVGIYAYRRDVLQNYSQLPESMPEQAESLEQLRLMNAGINIRTFEVAATGPGVDTPACLEKVRALMAQE
LAENA
;
_entity_poly.pdbx_strand_id   A,B
#
# COMPACT_ATOMS: atom_id res chain seq x y z
N SER A 1 21.06 23.88 -3.88
CA SER A 1 19.76 23.26 -3.51
C SER A 1 18.97 24.20 -2.60
N LYS A 2 18.18 25.08 -3.22
CA LYS A 2 17.38 26.04 -2.47
C LYS A 2 16.07 25.42 -2.01
N ALA A 3 15.75 25.62 -0.74
CA ALA A 3 14.53 25.09 -0.19
C ALA A 3 13.72 26.20 0.46
N VAL A 4 12.42 26.20 0.20
CA VAL A 4 11.53 27.21 0.78
C VAL A 4 10.36 26.53 1.48
N ILE A 5 9.86 27.16 2.52
CA ILE A 5 8.72 26.65 3.26
C ILE A 5 7.51 27.47 2.90
N VAL A 6 6.44 26.79 2.47
CA VAL A 6 5.19 27.44 2.12
C VAL A 6 4.14 26.98 3.13
N ILE A 7 3.44 27.94 3.74
CA ILE A 7 2.42 27.64 4.73
C ILE A 7 1.04 28.07 4.20
N PRO A 8 0.26 27.12 3.67
CA PRO A 8 -1.07 27.40 3.13
C PRO A 8 -1.95 27.79 4.30
N ALA A 9 -2.59 28.95 4.23
CA ALA A 9 -3.43 29.40 5.33
C ALA A 9 -4.70 30.07 4.84
N ARG A 10 -5.78 29.30 4.79
CA ARG A 10 -7.07 29.80 4.36
C ARG A 10 -7.97 30.14 5.56
N TYR A 11 -8.60 31.31 5.50
CA TYR A 11 -9.48 31.81 6.55
C TYR A 11 -10.71 30.93 6.75
N GLY A 12 -11.51 30.82 5.70
CA GLY A 12 -12.74 30.05 5.71
C GLY A 12 -12.69 28.63 6.22
N SER A 13 -13.30 28.42 7.38
CA SER A 13 -13.38 27.10 8.01
C SER A 13 -14.74 26.98 8.70
N SER A 14 -15.32 25.78 8.62
CA SER A 14 -16.64 25.50 9.19
C SER A 14 -16.72 25.59 10.71
N ARG A 15 -15.99 24.71 11.40
CA ARG A 15 -15.99 24.67 12.86
C ARG A 15 -15.03 25.64 13.56
N LEU A 16 -14.30 26.42 12.77
CA LEU A 16 -13.35 27.41 13.28
C LEU A 16 -13.07 28.50 12.24
N PRO A 17 -14.07 29.38 11.99
CA PRO A 17 -13.92 30.47 11.01
C PRO A 17 -12.79 31.44 11.38
N GLY A 18 -11.81 31.55 10.49
CA GLY A 18 -10.67 32.44 10.75
C GLY A 18 -9.72 31.77 11.71
N LYS A 19 -9.55 30.46 11.52
CA LYS A 19 -8.71 29.62 12.34
C LYS A 19 -7.24 30.08 12.50
N PRO A 20 -6.59 30.51 11.41
CA PRO A 20 -5.20 30.95 11.50
C PRO A 20 -4.99 32.22 12.32
N LEU A 21 -6.05 32.98 12.53
CA LEU A 21 -5.95 34.23 13.28
C LEU A 21 -6.27 34.09 14.78
N LEU A 22 -6.63 32.87 15.19
CA LEU A 22 -6.96 32.61 16.60
C LEU A 22 -5.78 32.90 17.53
N ASP A 23 -6.07 33.51 18.67
CA ASP A 23 -5.03 33.85 19.64
C ASP A 23 -4.53 32.67 20.44
N ILE A 24 -3.21 32.59 20.57
CA ILE A 24 -2.56 31.54 21.35
C ILE A 24 -1.42 32.25 22.06
N VAL A 25 -1.54 32.35 23.38
CA VAL A 25 -0.57 33.07 24.22
C VAL A 25 -0.18 34.44 23.63
N GLY A 26 -1.19 35.15 23.12
CA GLY A 26 -0.95 36.47 22.56
C GLY A 26 -0.43 36.60 21.14
N LYS A 27 -0.58 35.55 20.34
CA LYS A 27 -0.12 35.58 18.94
C LYS A 27 -1.08 34.80 18.04
N PRO A 28 -1.30 35.28 16.82
CA PRO A 28 -2.19 34.59 15.87
C PRO A 28 -1.57 33.23 15.58
N MET A 29 -2.40 32.19 15.51
CA MET A 29 -1.90 30.84 15.25
C MET A 29 -0.93 30.80 14.07
N ILE A 30 -1.26 31.55 13.02
CA ILE A 30 -0.42 31.61 11.83
C ILE A 30 0.99 32.14 12.15
N GLN A 31 1.09 33.04 13.13
CA GLN A 31 2.40 33.58 13.50
C GLN A 31 3.27 32.54 14.21
N HIS A 32 2.67 31.70 15.05
CA HIS A 32 3.40 30.67 15.78
C HIS A 32 4.07 29.72 14.79
N VAL A 33 3.32 29.36 13.74
CA VAL A 33 3.82 28.46 12.71
C VAL A 33 4.96 29.12 11.92
N TYR A 34 4.77 30.39 11.58
CA TYR A 34 5.78 31.17 10.84
C TYR A 34 7.07 31.29 11.64
N GLU A 35 6.95 31.65 12.92
CA GLU A 35 8.13 31.82 13.77
C GLU A 35 8.92 30.53 13.89
N ARG A 36 8.23 29.39 13.93
CA ARG A 36 8.91 28.09 14.01
C ARG A 36 9.54 27.68 12.67
N ALA A 37 8.88 28.03 11.57
CA ALA A 37 9.41 27.71 10.23
C ALA A 37 10.73 28.44 10.02
N LEU A 38 10.84 29.64 10.59
CA LEU A 38 12.06 30.43 10.50
C LEU A 38 13.24 29.81 11.23
N GLN A 39 12.96 28.93 12.20
CA GLN A 39 14.00 28.26 12.98
C GLN A 39 14.55 27.01 12.32
N VAL A 40 13.98 26.64 11.17
CA VAL A 40 14.43 25.46 10.43
C VAL A 40 15.66 25.85 9.65
N ALA A 41 16.81 25.25 9.99
CA ALA A 41 18.07 25.55 9.31
C ALA A 41 18.04 25.02 7.87
N GLY A 42 18.73 25.70 6.97
CA GLY A 42 18.78 25.26 5.58
C GLY A 42 17.68 25.78 4.68
N VAL A 43 16.75 26.52 5.26
CA VAL A 43 15.63 27.09 4.52
C VAL A 43 15.96 28.55 4.23
N ALA A 44 15.80 28.94 2.96
CA ALA A 44 16.09 30.31 2.53
C ALA A 44 14.93 31.26 2.73
N GLU A 45 13.72 30.80 2.39
CA GLU A 45 12.53 31.65 2.55
C GLU A 45 11.34 30.90 3.13
N VAL A 46 10.44 31.66 3.75
CA VAL A 46 9.21 31.14 4.33
C VAL A 46 8.10 32.05 3.84
N TRP A 47 7.11 31.44 3.19
CA TRP A 47 5.96 32.16 2.64
C TRP A 47 4.65 31.61 3.14
N VAL A 48 3.66 32.47 3.26
CA VAL A 48 2.32 32.05 3.67
C VAL A 48 1.44 32.20 2.43
N ALA A 49 0.79 31.12 2.01
CA ALA A 49 -0.08 31.13 0.84
C ALA A 49 -1.52 31.22 1.30
N THR A 50 -2.20 32.30 0.92
CA THR A 50 -3.57 32.50 1.33
C THR A 50 -4.50 32.95 0.21
N ASP A 51 -5.79 32.88 0.48
CA ASP A 51 -6.80 33.29 -0.49
C ASP A 51 -7.65 34.42 0.10
N ASP A 52 -7.32 34.82 1.33
CA ASP A 52 -8.05 35.86 2.04
C ASP A 52 -7.13 37.02 2.45
N PRO A 53 -7.59 38.27 2.25
CA PRO A 53 -6.83 39.49 2.58
C PRO A 53 -6.70 39.75 4.08
N ARG A 54 -7.63 39.21 4.87
CA ARG A 54 -7.58 39.39 6.31
C ARG A 54 -6.39 38.60 6.85
N VAL A 55 -6.10 37.48 6.19
CA VAL A 55 -4.97 36.64 6.58
C VAL A 55 -3.68 37.25 6.04
N GLU A 56 -3.73 37.74 4.81
CA GLU A 56 -2.58 38.38 4.17
C GLU A 56 -2.15 39.60 5.00
N GLN A 57 -3.13 40.34 5.50
CA GLN A 57 -2.85 41.52 6.32
C GLN A 57 -2.27 41.15 7.68
N ALA A 58 -2.86 40.15 8.32
CA ALA A 58 -2.41 39.67 9.62
C ALA A 58 -0.96 39.17 9.52
N VAL A 59 -0.60 38.63 8.37
CA VAL A 59 0.75 38.13 8.14
C VAL A 59 1.74 39.30 7.94
N GLN A 60 1.31 40.29 7.18
CA GLN A 60 2.13 41.46 6.90
C GLN A 60 2.38 42.24 8.19
N ALA A 61 1.36 42.24 9.06
CA ALA A 61 1.44 42.93 10.36
C ALA A 61 2.64 42.48 11.20
N PHE A 62 2.95 41.19 11.17
CA PHE A 62 4.10 40.72 11.92
C PHE A 62 5.35 40.64 11.06
N GLY A 63 5.22 41.14 9.83
CA GLY A 63 6.33 41.17 8.91
C GLY A 63 6.59 39.91 8.10
N GLY A 64 5.65 38.98 8.11
CA GLY A 64 5.82 37.75 7.36
C GLY A 64 5.47 37.91 5.89
N LYS A 65 6.05 37.08 5.04
CA LYS A 65 5.81 37.14 3.60
C LYS A 65 4.54 36.39 3.23
N ALA A 66 3.61 37.10 2.59
CA ALA A 66 2.35 36.49 2.18
C ALA A 66 2.15 36.65 0.67
N ILE A 67 1.51 35.66 0.08
CA ILE A 67 1.22 35.67 -1.35
C ILE A 67 -0.21 35.21 -1.51
N MET A 68 -0.99 36.02 -2.22
CA MET A 68 -2.38 35.72 -2.48
C MET A 68 -2.47 34.67 -3.58
N THR A 69 -3.33 33.69 -3.36
CA THR A 69 -3.53 32.62 -4.32
C THR A 69 -5.02 32.59 -4.66
N ARG A 70 -5.40 31.80 -5.67
CA ARG A 70 -6.80 31.69 -6.06
C ARG A 70 -7.63 30.95 -5.03
N ASN A 71 -8.89 31.34 -4.92
CA ASN A 71 -9.84 30.72 -3.98
C ASN A 71 -10.51 29.47 -4.58
N ASP A 72 -10.29 29.24 -5.87
CA ASP A 72 -10.86 28.10 -6.57
C ASP A 72 -10.05 26.80 -6.44
N HIS A 73 -8.94 26.86 -5.69
CA HIS A 73 -8.08 25.69 -5.48
C HIS A 73 -8.80 24.65 -4.63
N GLU A 74 -8.98 23.46 -5.19
CA GLU A 74 -9.67 22.38 -4.47
C GLU A 74 -8.79 21.68 -3.41
N SER A 75 -7.52 22.09 -3.32
CA SER A 75 -6.60 21.48 -2.36
C SER A 75 -5.37 22.32 -2.05
N GLY A 76 -4.72 21.99 -0.94
CA GLY A 76 -3.54 22.71 -0.53
C GLY A 76 -2.35 22.43 -1.44
N THR A 77 -2.42 21.37 -2.22
CA THR A 77 -1.34 21.02 -3.13
C THR A 77 -1.49 21.88 -4.37
N ASP A 78 -2.73 22.20 -4.74
CA ASP A 78 -2.97 23.04 -5.90
C ASP A 78 -2.45 24.43 -5.59
N ARG A 79 -2.59 24.84 -4.34
CA ARG A 79 -2.15 26.15 -3.89
C ARG A 79 -0.64 26.24 -3.94
N LEU A 80 0.04 25.16 -3.56
CA LEU A 80 1.49 25.11 -3.58
C LEU A 80 2.01 25.21 -5.02
N VAL A 81 1.29 24.58 -5.96
CA VAL A 81 1.64 24.60 -7.38
C VAL A 81 1.63 26.02 -7.93
N GLU A 82 0.64 26.82 -7.53
CA GLU A 82 0.56 28.20 -7.98
C GLU A 82 1.73 29.00 -7.40
N VAL A 83 2.02 28.80 -6.12
CA VAL A 83 3.14 29.49 -5.48
C VAL A 83 4.45 29.13 -6.17
N MET A 84 4.56 27.87 -6.58
CA MET A 84 5.75 27.33 -7.25
C MET A 84 6.15 28.09 -8.53
N HIS A 85 5.17 28.55 -9.30
CA HIS A 85 5.46 29.28 -10.54
C HIS A 85 6.06 30.67 -10.29
N LYS A 86 5.80 31.24 -9.11
CA LYS A 86 6.31 32.56 -8.77
C LYS A 86 7.53 32.54 -7.84
N VAL A 87 7.56 31.60 -6.90
CA VAL A 87 8.69 31.47 -5.97
C VAL A 87 9.60 30.31 -6.37
N GLU A 88 10.81 30.65 -6.80
CA GLU A 88 11.78 29.66 -7.24
C GLU A 88 12.46 28.91 -6.10
N ALA A 89 12.63 27.61 -6.31
CA ALA A 89 13.26 26.71 -5.34
C ALA A 89 13.41 25.34 -5.95
N ASP A 90 14.31 24.54 -5.39
CA ASP A 90 14.52 23.18 -5.85
C ASP A 90 13.61 22.25 -5.00
N ILE A 91 13.41 22.62 -3.74
CA ILE A 91 12.59 21.85 -2.80
C ILE A 91 11.53 22.72 -2.10
N TYR A 92 10.27 22.31 -2.19
CA TYR A 92 9.17 23.03 -1.54
C TYR A 92 8.65 22.18 -0.38
N ILE A 93 8.59 22.77 0.80
CA ILE A 93 8.07 22.08 1.97
C ILE A 93 6.71 22.70 2.30
N ASN A 94 5.73 21.84 2.52
CA ASN A 94 4.38 22.26 2.83
C ASN A 94 4.05 22.03 4.30
N LEU A 95 3.95 23.12 5.06
CA LEU A 95 3.62 23.06 6.48
C LEU A 95 2.16 23.47 6.66
N GLN A 96 1.45 22.79 7.55
CA GLN A 96 0.05 23.12 7.79
C GLN A 96 -0.10 24.36 8.68
N GLY A 97 -0.92 25.30 8.22
CA GLY A 97 -1.15 26.52 8.96
C GLY A 97 -1.81 26.35 10.32
N ASP A 98 -2.41 25.18 10.54
CA ASP A 98 -3.12 24.89 11.79
C ASP A 98 -2.40 24.00 12.81
N GLU A 99 -1.10 23.79 12.64
CA GLU A 99 -0.32 22.97 13.56
C GLU A 99 0.78 23.83 14.17
N PRO A 100 0.43 24.67 15.16
CA PRO A 100 1.38 25.56 15.83
C PRO A 100 2.47 24.91 16.68
N MET A 101 2.30 23.63 17.02
CA MET A 101 3.30 22.97 17.84
C MET A 101 4.33 22.13 17.08
N ILE A 102 4.51 22.45 15.81
CA ILE A 102 5.47 21.76 14.95
C ILE A 102 6.89 21.93 15.50
N ARG A 103 7.69 20.86 15.45
CA ARG A 103 9.07 20.92 15.92
C ARG A 103 10.02 21.17 14.75
N PRO A 104 10.79 22.28 14.79
CA PRO A 104 11.73 22.62 13.72
C PRO A 104 12.69 21.49 13.35
N ARG A 105 13.04 20.64 14.31
CA ARG A 105 13.96 19.54 14.04
C ARG A 105 13.30 18.51 13.12
N ASP A 106 11.99 18.32 13.26
CA ASP A 106 11.25 17.37 12.45
C ASP A 106 11.27 17.78 10.98
N VAL A 107 11.20 19.09 10.74
CA VAL A 107 11.23 19.59 9.37
C VAL A 107 12.63 19.43 8.79
N GLU A 108 13.64 19.54 9.65
CA GLU A 108 15.04 19.39 9.23
C GLU A 108 15.35 17.94 8.85
N THR A 109 14.66 17.01 9.52
CA THR A 109 14.82 15.57 9.26
C THR A 109 14.34 15.31 7.85
N LEU A 110 13.20 15.92 7.53
CA LEU A 110 12.54 15.83 6.24
C LEU A 110 13.43 16.39 5.13
N LEU A 111 13.95 17.59 5.36
CA LEU A 111 14.80 18.30 4.40
C LEU A 111 16.10 17.54 4.17
N GLN A 112 16.66 16.98 5.24
CA GLN A 112 17.91 16.22 5.12
C GLN A 112 17.67 14.96 4.30
N GLY A 113 16.49 14.37 4.47
CA GLY A 113 16.14 13.18 3.71
C GLY A 113 16.12 13.49 2.22
N MET A 114 15.56 14.65 1.87
CA MET A 114 15.48 15.08 0.48
C MET A 114 16.87 15.34 -0.10
N ARG A 115 17.76 15.91 0.71
CA ARG A 115 19.12 16.21 0.28
C ARG A 115 20.03 14.99 0.18
N ASP A 116 19.79 13.98 1.01
CA ASP A 116 20.60 12.77 0.99
C ASP A 116 20.28 11.82 -0.17
N ASP A 117 19.18 12.10 -0.87
CA ASP A 117 18.77 11.29 -2.01
C ASP A 117 18.13 12.19 -3.07
N PRO A 118 18.96 12.63 -4.06
CA PRO A 118 18.58 13.50 -5.18
C PRO A 118 17.43 12.93 -6.03
N ALA A 119 17.31 11.61 -6.03
CA ALA A 119 16.26 10.92 -6.80
C ALA A 119 14.89 10.87 -6.13
N LEU A 120 14.84 11.20 -4.84
CA LEU A 120 13.58 11.18 -4.09
C LEU A 120 12.66 12.32 -4.50
N PRO A 121 11.46 12.00 -5.01
CA PRO A 121 10.50 13.00 -5.44
C PRO A 121 9.76 13.68 -4.28
N VAL A 122 9.21 12.88 -3.38
CA VAL A 122 8.42 13.38 -2.26
C VAL A 122 8.77 12.69 -0.95
N ALA A 123 8.71 13.44 0.13
CA ALA A 123 9.02 12.94 1.46
C ALA A 123 7.95 13.43 2.43
N THR A 124 7.63 12.62 3.43
CA THR A 124 6.63 12.99 4.42
C THR A 124 7.02 12.41 5.78
N LEU A 125 6.20 12.65 6.79
CA LEU A 125 6.48 12.18 8.14
C LEU A 125 5.43 11.23 8.74
N CYS A 126 5.83 10.52 9.78
CA CYS A 126 4.94 9.59 10.48
C CYS A 126 5.48 9.34 11.89
N HIS A 127 4.61 8.84 12.75
CA HIS A 127 5.01 8.50 14.12
C HIS A 127 4.16 7.35 14.61
N ALA A 128 4.73 6.54 15.51
CA ALA A 128 4.03 5.39 16.04
C ALA A 128 2.77 5.71 16.83
N ILE A 129 1.75 4.86 16.67
CA ILE A 129 0.51 5.03 17.40
C ILE A 129 0.05 3.65 17.85
N SER A 130 -0.84 3.63 18.83
CA SER A 130 -1.36 2.39 19.37
C SER A 130 -2.46 1.85 18.46
N ALA A 131 -2.89 0.61 18.71
CA ALA A 131 -3.94 0.00 17.92
C ALA A 131 -5.27 0.73 18.06
N ALA A 132 -5.55 1.21 19.26
CA ALA A 132 -6.80 1.93 19.52
C ALA A 132 -6.89 3.23 18.72
N GLU A 133 -5.79 3.95 18.62
CA GLU A 133 -5.79 5.20 17.86
C GLU A 133 -5.88 4.93 16.36
N ALA A 134 -5.33 3.80 15.91
CA ALA A 134 -5.36 3.42 14.50
C ALA A 134 -6.78 3.01 14.06
N ALA A 135 -7.65 2.78 15.02
CA ALA A 135 -9.02 2.39 14.72
C ALA A 135 -9.84 3.51 14.12
N GLU A 136 -9.46 4.74 14.46
CA GLU A 136 -10.15 5.94 13.99
C GLU A 136 -9.90 6.28 12.53
N PRO A 137 -10.98 6.40 11.74
CA PRO A 137 -10.86 6.73 10.33
C PRO A 137 -10.35 8.17 10.12
N SER A 138 -10.48 8.99 11.16
CA SER A 138 -10.01 10.38 11.11
C SER A 138 -8.49 10.40 11.10
N THR A 139 -7.89 9.28 11.49
CA THR A 139 -6.44 9.13 11.51
C THR A 139 -6.02 8.38 10.26
N VAL A 140 -4.93 8.83 9.65
CA VAL A 140 -4.41 8.22 8.43
C VAL A 140 -3.25 7.31 8.75
N LYS A 141 -3.36 6.05 8.36
CA LYS A 141 -2.31 5.07 8.59
C LYS A 141 -1.44 4.90 7.34
N VAL A 142 -0.20 4.50 7.57
CA VAL A 142 0.73 4.26 6.49
C VAL A 142 1.55 3.00 6.81
N VAL A 143 1.81 2.21 5.77
CA VAL A 143 2.62 1.02 5.87
C VAL A 143 3.80 1.27 4.93
N VAL A 144 5.03 1.03 5.42
CA VAL A 144 6.24 1.25 4.63
C VAL A 144 7.05 -0.02 4.43
N ASN A 145 7.99 0.01 3.49
CA ASN A 145 8.88 -1.12 3.21
C ASN A 145 10.23 -0.87 3.89
N THR A 146 11.23 -1.71 3.64
CA THR A 146 12.55 -1.54 4.27
C THR A 146 13.24 -0.20 4.01
N ARG A 147 13.01 0.39 2.84
CA ARG A 147 13.60 1.67 2.50
C ARG A 147 12.78 2.83 3.03
N GLN A 148 11.77 2.50 3.84
CA GLN A 148 10.87 3.48 4.43
C GLN A 148 9.96 4.15 3.40
N ASP A 149 9.85 3.50 2.24
CA ASP A 149 8.99 3.98 1.16
C ASP A 149 7.57 3.56 1.51
N ALA A 150 6.62 4.47 1.32
CA ALA A 150 5.24 4.19 1.62
C ALA A 150 4.66 3.18 0.62
N LEU A 151 3.94 2.18 1.14
CA LEU A 151 3.29 1.16 0.31
C LEU A 151 1.85 1.64 0.04
N TYR A 152 1.20 2.15 1.08
CA TYR A 152 -0.16 2.65 0.95
C TYR A 152 -0.53 3.49 2.16
N PHE A 153 -1.50 4.38 1.96
CA PHE A 153 -2.04 5.29 3.00
C PHE A 153 -3.54 4.97 3.08
N SER A 154 -4.08 4.86 4.28
CA SER A 154 -5.49 4.55 4.41
C SER A 154 -6.12 4.94 5.72
N ARG A 155 -7.45 5.05 5.68
CA ARG A 155 -8.25 5.36 6.86
C ARG A 155 -8.61 4.02 7.54
N SER A 156 -8.49 2.91 6.80
CA SER A 156 -8.73 1.57 7.35
C SER A 156 -7.50 1.21 8.18
N PRO A 157 -7.67 0.42 9.24
CA PRO A 157 -6.48 0.07 10.02
C PRO A 157 -5.62 -0.92 9.24
N ILE A 158 -4.44 -0.45 8.82
CA ILE A 158 -3.48 -1.29 8.11
C ILE A 158 -2.15 -1.23 8.87
N PRO A 159 -1.49 -2.38 9.04
CA PRO A 159 -1.92 -3.70 8.56
C PRO A 159 -3.08 -4.24 9.38
N TYR A 160 -3.84 -5.15 8.78
CA TYR A 160 -4.98 -5.78 9.46
C TYR A 160 -4.45 -6.57 10.67
N PRO A 161 -5.15 -6.52 11.81
CA PRO A 161 -4.65 -7.27 12.97
C PRO A 161 -5.02 -8.75 13.01
N ARG A 162 -4.58 -9.53 12.02
CA ARG A 162 -4.86 -10.96 12.01
C ARG A 162 -4.19 -11.53 13.26
N ASN A 163 -2.88 -11.31 13.38
CA ASN A 163 -2.11 -11.71 14.55
C ASN A 163 -1.81 -10.38 15.20
N ALA A 164 -2.80 -9.90 15.96
CA ALA A 164 -2.75 -8.61 16.64
C ALA A 164 -1.50 -8.22 17.41
N GLU A 165 -0.84 -9.18 18.04
CA GLU A 165 0.36 -8.87 18.81
C GLU A 165 1.52 -8.41 17.95
N LYS A 166 1.51 -8.79 16.67
CA LYS A 166 2.58 -8.45 15.74
C LYS A 166 2.38 -7.12 15.03
N ALA A 167 1.17 -6.59 15.08
CA ALA A 167 0.85 -5.34 14.43
C ALA A 167 1.43 -4.08 15.08
N ARG A 168 1.99 -3.22 14.25
CA ARG A 168 2.56 -1.95 14.70
C ARG A 168 2.02 -0.90 13.74
N TYR A 169 1.42 0.14 14.30
CA TYR A 169 0.82 1.18 13.49
C TYR A 169 1.62 2.48 13.42
N LEU A 170 1.54 3.14 12.28
CA LEU A 170 2.20 4.40 12.02
C LEU A 170 1.17 5.41 11.57
N LYS A 171 1.16 6.56 12.23
CA LYS A 171 0.25 7.63 11.88
C LYS A 171 1.00 8.57 10.92
N HIS A 172 0.31 8.95 9.83
CA HIS A 172 0.91 9.85 8.85
C HIS A 172 0.79 11.31 9.30
N VAL A 173 1.94 12.00 9.39
CA VAL A 173 1.98 13.41 9.79
C VAL A 173 2.02 14.23 8.49
N GLY A 174 0.93 14.94 8.25
CA GLY A 174 0.74 15.73 7.04
C GLY A 174 1.65 16.86 6.60
N ILE A 175 2.96 16.65 6.65
CA ILE A 175 3.95 17.64 6.22
C ILE A 175 4.68 16.99 5.04
N TYR A 176 4.80 17.73 3.94
CA TYR A 176 5.45 17.20 2.75
C TYR A 176 6.62 18.03 2.24
N ALA A 177 7.53 17.37 1.53
CA ALA A 177 8.67 18.01 0.90
C ALA A 177 8.55 17.54 -0.54
N TYR A 178 8.39 18.48 -1.47
CA TYR A 178 8.24 18.17 -2.89
C TYR A 178 9.39 18.69 -3.72
N ARG A 179 9.82 17.90 -4.71
CA ARG A 179 10.87 18.33 -5.62
C ARG A 179 10.12 19.24 -6.58
N ARG A 180 10.82 20.25 -7.10
CA ARG A 180 10.20 21.21 -8.02
C ARG A 180 9.52 20.57 -9.24
N ASP A 181 10.15 19.55 -9.82
CA ASP A 181 9.59 18.87 -10.99
C ASP A 181 8.29 18.10 -10.72
N VAL A 182 8.04 17.71 -9.47
CA VAL A 182 6.80 17.00 -9.15
C VAL A 182 5.63 17.97 -9.21
N LEU A 183 5.86 19.20 -8.75
CA LEU A 183 4.84 20.23 -8.76
C LEU A 183 4.56 20.74 -10.17
N GLN A 184 5.57 20.72 -11.04
CA GLN A 184 5.40 21.17 -12.42
C GLN A 184 4.49 20.24 -13.21
N ASN A 185 4.58 18.94 -12.90
CA ASN A 185 3.78 17.94 -13.58
C ASN A 185 2.52 17.54 -12.83
N TYR A 186 2.29 18.16 -11.67
CA TYR A 186 1.15 17.82 -10.84
C TYR A 186 -0.25 18.01 -11.40
N SER A 187 -0.51 19.20 -11.95
CA SER A 187 -1.84 19.51 -12.51
C SER A 187 -2.27 18.60 -13.66
N GLN A 188 -1.31 17.89 -14.24
CA GLN A 188 -1.55 16.96 -15.34
C GLN A 188 -1.93 15.56 -14.84
N LEU A 189 -1.81 15.34 -13.53
CA LEU A 189 -2.13 14.05 -12.93
C LEU A 189 -3.62 13.85 -12.77
N PRO A 190 -4.11 12.66 -13.14
CA PRO A 190 -5.55 12.44 -12.99
C PRO A 190 -5.89 11.96 -11.58
N GLU A 191 -7.12 12.23 -11.15
CA GLU A 191 -7.58 11.80 -9.84
C GLU A 191 -7.70 10.28 -9.89
N SER A 192 -7.25 9.60 -8.84
CA SER A 192 -7.34 8.15 -8.80
C SER A 192 -8.60 7.71 -8.06
N MET A 193 -8.97 6.45 -8.29
CA MET A 193 -10.13 5.84 -7.64
C MET A 193 -9.89 5.77 -6.12
N PRO A 194 -8.72 5.25 -5.69
CA PRO A 194 -8.44 5.17 -4.25
C PRO A 194 -8.46 6.55 -3.59
N GLU A 195 -7.93 7.55 -4.28
CA GLU A 195 -7.92 8.91 -3.77
C GLU A 195 -9.35 9.39 -3.50
N GLN A 196 -10.23 9.20 -4.48
CA GLN A 196 -11.62 9.64 -4.38
C GLN A 196 -12.41 8.87 -3.34
N ALA A 197 -12.11 7.58 -3.19
CA ALA A 197 -12.79 6.74 -2.21
C ALA A 197 -12.36 7.10 -0.78
N GLU A 198 -11.05 7.16 -0.56
CA GLU A 198 -10.46 7.48 0.76
C GLU A 198 -10.44 8.95 1.11
N SER A 199 -10.50 9.79 0.08
CA SER A 199 -10.45 11.24 0.22
C SER A 199 -9.11 11.64 0.81
N LEU A 200 -8.04 11.11 0.22
CA LEU A 200 -6.66 11.37 0.62
C LEU A 200 -5.95 11.76 -0.66
N GLU A 201 -5.61 13.03 -0.78
CA GLU A 201 -4.98 13.52 -1.99
C GLU A 201 -3.62 12.90 -2.30
N GLN A 202 -2.85 12.55 -1.28
CA GLN A 202 -1.53 11.95 -1.50
C GLN A 202 -1.57 10.67 -2.35
N LEU A 203 -2.74 10.04 -2.43
CA LEU A 203 -2.87 8.83 -3.23
C LEU A 203 -2.82 9.12 -4.73
N ARG A 204 -3.01 10.39 -5.10
CA ARG A 204 -2.95 10.77 -6.52
C ARG A 204 -1.55 10.52 -7.02
N LEU A 205 -0.57 10.78 -6.15
CA LEU A 205 0.84 10.60 -6.46
C LEU A 205 1.20 9.12 -6.58
N MET A 206 0.72 8.33 -5.63
CA MET A 206 0.98 6.89 -5.63
C MET A 206 0.37 6.22 -6.85
N ASN A 207 -0.76 6.73 -7.31
CA ASN A 207 -1.43 6.20 -8.49
C ASN A 207 -0.54 6.36 -9.71
N ALA A 208 0.18 7.49 -9.78
CA ALA A 208 1.06 7.79 -10.90
C ALA A 208 2.44 7.17 -10.75
N GLY A 209 2.65 6.42 -9.69
CA GLY A 209 3.94 5.78 -9.50
C GLY A 209 5.04 6.64 -8.91
N ILE A 210 4.64 7.76 -8.31
CA ILE A 210 5.59 8.66 -7.69
C ILE A 210 5.87 8.17 -6.27
N ASN A 211 7.14 7.91 -5.99
CA ASN A 211 7.55 7.41 -4.68
C ASN A 211 7.51 8.46 -3.57
N ILE A 212 6.95 8.05 -2.42
CA ILE A 212 6.85 8.93 -1.26
C ILE A 212 7.58 8.23 -0.11
N ARG A 213 8.71 8.79 0.34
CA ARG A 213 9.43 8.19 1.45
C ARG A 213 8.93 8.78 2.77
N THR A 214 8.73 7.93 3.75
CA THR A 214 8.18 8.35 5.02
C THR A 214 9.19 8.23 6.15
N PHE A 215 9.54 9.35 6.76
CA PHE A 215 10.49 9.37 7.89
C PHE A 215 9.75 9.37 9.22
N GLU A 216 10.26 8.58 10.16
CA GLU A 216 9.63 8.46 11.46
C GLU A 216 10.17 9.41 12.52
N VAL A 217 9.26 10.10 13.21
CA VAL A 217 9.62 11.03 14.27
C VAL A 217 8.81 10.65 15.51
N ALA A 218 9.04 11.36 16.62
CA ALA A 218 8.31 11.08 17.87
C ALA A 218 6.88 11.59 17.75
N ALA A 219 6.02 11.18 18.68
CA ALA A 219 4.64 11.62 18.67
C ALA A 219 4.60 13.15 18.63
N THR A 220 3.96 13.69 17.61
CA THR A 220 3.85 15.14 17.44
C THR A 220 2.83 15.74 18.41
N GLY A 221 2.83 17.07 18.51
CA GLY A 221 1.90 17.74 19.38
C GLY A 221 0.50 17.74 18.79
N PRO A 222 -0.54 18.00 19.60
CA PRO A 222 -1.91 18.00 19.08
C PRO A 222 -2.20 19.19 18.16
N GLY A 223 -2.81 18.91 17.01
CA GLY A 223 -3.16 19.94 16.06
C GLY A 223 -4.44 20.64 16.49
N VAL A 224 -4.64 21.86 16.00
CA VAL A 224 -5.83 22.62 16.35
C VAL A 224 -6.97 22.38 15.35
N ASP A 225 -7.96 21.60 15.79
CA ASP A 225 -9.13 21.28 14.97
C ASP A 225 -10.40 21.54 15.75
N THR A 226 -10.43 21.07 16.99
CA THR A 226 -11.58 21.23 17.88
C THR A 226 -11.18 22.09 19.09
N PRO A 227 -12.13 22.88 19.63
CA PRO A 227 -11.88 23.76 20.78
C PRO A 227 -11.38 23.02 22.03
N ALA A 228 -11.66 21.72 22.10
CA ALA A 228 -11.20 20.90 23.23
C ALA A 228 -9.69 20.73 23.10
N CYS A 229 -9.23 20.63 21.85
CA CYS A 229 -7.80 20.48 21.54
C CYS A 229 -7.10 21.83 21.53
N LEU A 230 -7.89 22.90 21.41
CA LEU A 230 -7.34 24.26 21.39
C LEU A 230 -6.89 24.68 22.79
N GLU A 231 -7.70 24.36 23.80
CA GLU A 231 -7.39 24.70 25.19
C GLU A 231 -6.14 23.95 25.63
N LYS A 232 -5.99 22.73 25.14
CA LYS A 232 -4.84 21.89 25.48
C LYS A 232 -3.60 22.51 24.84
N VAL A 233 -3.73 22.96 23.60
CA VAL A 233 -2.61 23.59 22.90
C VAL A 233 -2.26 24.92 23.57
N ARG A 234 -3.27 25.70 23.97
CA ARG A 234 -3.00 26.97 24.63
C ARG A 234 -2.29 26.77 25.96
N ALA A 235 -2.68 25.71 26.68
CA ALA A 235 -2.08 25.38 27.97
C ALA A 235 -0.71 24.72 27.80
N LEU A 236 -0.57 23.95 26.71
CA LEU A 236 0.67 23.25 26.38
C LEU A 236 1.69 24.25 25.86
N MET A 237 1.19 25.23 25.10
CA MET A 237 2.02 26.29 24.53
C MET A 237 2.48 27.19 25.67
N ALA A 238 1.57 27.43 26.61
CA ALA A 238 1.85 28.28 27.78
C ALA A 238 2.82 27.61 28.74
N GLN A 239 2.61 26.31 28.98
CA GLN A 239 3.47 25.55 29.87
C GLN A 239 4.91 25.50 29.32
N GLU A 240 5.02 25.62 28.00
CA GLU A 240 6.29 25.60 27.30
C GLU A 240 7.13 26.88 27.46
N LEU A 241 6.45 28.03 27.55
CA LEU A 241 7.12 29.32 27.68
C LEU A 241 7.89 29.56 28.98
N ALA A 242 7.44 28.93 30.07
CA ALA A 242 8.09 29.06 31.37
C ALA A 242 8.81 27.78 31.76
N GLU A 243 9.39 27.11 30.77
CA GLU A 243 10.02 25.81 31.02
C GLU A 243 11.54 25.66 31.09
N ASN A 244 12.31 26.71 30.89
CA ASN A 244 13.73 26.45 30.89
C ASN A 244 14.70 26.59 32.03
N ALA A 245 15.66 25.68 31.98
CA ALA A 245 16.79 25.51 32.87
C ALA A 245 17.82 24.71 32.08
N SER B 1 12.52 -18.17 -23.76
CA SER B 1 11.78 -17.85 -22.51
C SER B 1 10.97 -19.07 -22.11
N LYS B 2 11.59 -19.93 -21.31
CA LYS B 2 10.95 -21.16 -20.84
C LYS B 2 10.12 -20.93 -19.58
N ALA B 3 8.90 -21.44 -19.58
CA ALA B 3 8.01 -21.31 -18.45
C ALA B 3 7.46 -22.69 -18.07
N VAL B 4 7.39 -22.96 -16.77
CA VAL B 4 6.87 -24.23 -16.27
C VAL B 4 5.81 -23.96 -15.20
N ILE B 5 4.85 -24.88 -15.05
CA ILE B 5 3.81 -24.76 -14.05
C ILE B 5 4.08 -25.76 -12.94
N VAL B 6 4.14 -25.27 -11.71
CA VAL B 6 4.38 -26.13 -10.55
C VAL B 6 3.10 -26.08 -9.73
N ILE B 7 2.63 -27.25 -9.32
CA ILE B 7 1.41 -27.34 -8.52
C ILE B 7 1.73 -27.95 -7.14
N PRO B 8 1.92 -27.11 -6.11
CA PRO B 8 2.23 -27.57 -4.75
C PRO B 8 1.02 -28.35 -4.26
N ALA B 9 1.21 -29.60 -3.87
CA ALA B 9 0.10 -30.41 -3.40
C ALA B 9 0.50 -31.32 -2.25
N ARG B 10 0.48 -30.79 -1.04
CA ARG B 10 0.83 -31.60 0.11
C ARG B 10 -0.39 -32.45 0.50
N TYR B 11 -0.13 -33.62 1.06
CA TYR B 11 -1.19 -34.54 1.46
C TYR B 11 -2.02 -33.99 2.62
N GLY B 12 -1.33 -33.42 3.59
CA GLY B 12 -1.97 -32.88 4.79
C GLY B 12 -2.90 -31.69 4.68
N SER B 13 -3.91 -31.70 5.55
CA SER B 13 -4.91 -30.64 5.65
C SER B 13 -5.69 -30.83 6.97
N SER B 14 -5.85 -29.74 7.71
CA SER B 14 -6.54 -29.78 9.01
C SER B 14 -8.01 -30.19 8.97
N ARG B 15 -8.69 -29.90 7.86
CA ARG B 15 -10.11 -30.24 7.71
C ARG B 15 -10.36 -31.34 6.69
N LEU B 16 -9.48 -31.44 5.71
CA LEU B 16 -9.61 -32.45 4.66
C LEU B 16 -8.31 -33.22 4.43
N PRO B 17 -7.97 -34.14 5.34
CA PRO B 17 -6.74 -34.94 5.21
C PRO B 17 -6.77 -35.69 3.87
N GLY B 18 -5.64 -35.65 3.15
CA GLY B 18 -5.53 -36.30 1.85
C GLY B 18 -6.28 -35.56 0.75
N LYS B 19 -6.41 -34.24 0.94
CA LYS B 19 -7.12 -33.34 0.02
C LYS B 19 -6.88 -33.49 -1.49
N PRO B 20 -5.61 -33.53 -1.94
CA PRO B 20 -5.36 -33.68 -3.38
C PRO B 20 -5.93 -34.94 -4.01
N LEU B 21 -6.13 -35.96 -3.19
CA LEU B 21 -6.66 -37.24 -3.64
C LEU B 21 -8.18 -37.36 -3.57
N LEU B 22 -8.84 -36.32 -3.08
CA LEU B 22 -10.31 -36.34 -2.97
C LEU B 22 -10.95 -36.41 -4.33
N ASP B 23 -11.88 -37.35 -4.48
CA ASP B 23 -12.61 -37.58 -5.72
C ASP B 23 -13.62 -36.48 -6.05
N ILE B 24 -13.57 -36.03 -7.31
CA ILE B 24 -14.49 -35.03 -7.84
C ILE B 24 -14.91 -35.53 -9.22
N VAL B 25 -16.20 -35.85 -9.36
CA VAL B 25 -16.76 -36.40 -10.60
C VAL B 25 -15.91 -37.48 -11.27
N GLY B 26 -15.30 -38.34 -10.44
CA GLY B 26 -14.50 -39.44 -10.97
C GLY B 26 -13.00 -39.31 -11.04
N LYS B 27 -12.47 -38.18 -10.61
CA LYS B 27 -11.03 -37.94 -10.65
C LYS B 27 -10.55 -37.25 -9.39
N PRO B 28 -9.33 -37.58 -8.93
CA PRO B 28 -8.81 -36.91 -7.74
C PRO B 28 -8.63 -35.43 -8.07
N MET B 29 -8.90 -34.56 -7.10
CA MET B 29 -8.79 -33.11 -7.28
C MET B 29 -7.51 -32.67 -7.99
N ILE B 30 -6.39 -33.30 -7.63
CA ILE B 30 -5.10 -32.97 -8.24
C ILE B 30 -5.07 -33.25 -9.76
N GLN B 31 -5.85 -34.24 -10.19
CA GLN B 31 -5.88 -34.56 -11.62
C GLN B 31 -6.59 -33.47 -12.41
N HIS B 32 -7.66 -32.91 -11.85
CA HIS B 32 -8.40 -31.83 -12.52
C HIS B 32 -7.52 -30.61 -12.77
N VAL B 33 -6.73 -30.25 -11.76
CA VAL B 33 -5.82 -29.11 -11.83
C VAL B 33 -4.71 -29.40 -12.84
N TYR B 34 -4.17 -30.61 -12.81
CA TYR B 34 -3.10 -31.00 -13.72
C TYR B 34 -3.55 -31.00 -15.17
N GLU B 35 -4.75 -31.51 -15.42
CA GLU B 35 -5.28 -31.55 -16.77
C GLU B 35 -5.51 -30.17 -17.36
N ARG B 36 -5.96 -29.24 -16.52
CA ARG B 36 -6.19 -27.88 -16.96
C ARG B 36 -4.87 -27.14 -17.21
N ALA B 37 -3.86 -27.41 -16.38
CA ALA B 37 -2.56 -26.78 -16.53
C ALA B 37 -1.96 -27.14 -17.89
N LEU B 38 -2.23 -28.36 -18.35
CA LEU B 38 -1.74 -28.86 -19.63
C LEU B 38 -2.36 -28.14 -20.83
N GLN B 39 -3.48 -27.47 -20.60
CA GLN B 39 -4.17 -26.73 -21.67
C GLN B 39 -3.64 -25.30 -21.85
N VAL B 40 -2.76 -24.87 -20.96
CA VAL B 40 -2.18 -23.53 -21.01
C VAL B 40 -1.08 -23.47 -22.08
N ALA B 41 -1.30 -22.65 -23.10
CA ALA B 41 -0.33 -22.51 -24.17
C ALA B 41 0.93 -21.77 -23.71
N GLY B 42 2.08 -22.13 -24.27
CA GLY B 42 3.33 -21.48 -23.91
C GLY B 42 4.08 -22.02 -22.71
N VAL B 43 3.60 -23.14 -22.17
CA VAL B 43 4.24 -23.78 -21.01
C VAL B 43 4.98 -25.03 -21.47
N ALA B 44 6.23 -25.19 -21.04
CA ALA B 44 7.03 -26.33 -21.44
C ALA B 44 6.82 -27.60 -20.60
N GLU B 45 6.58 -27.44 -19.31
CA GLU B 45 6.39 -28.58 -18.41
C GLU B 45 5.44 -28.27 -17.26
N VAL B 46 4.73 -29.29 -16.79
CA VAL B 46 3.83 -29.17 -15.66
C VAL B 46 4.28 -30.20 -14.61
N TRP B 47 4.53 -29.72 -13.39
CA TRP B 47 4.99 -30.57 -12.30
C TRP B 47 4.13 -30.45 -11.07
N VAL B 48 3.94 -31.59 -10.41
CA VAL B 48 3.20 -31.65 -9.17
C VAL B 48 4.28 -31.85 -8.13
N ALA B 49 4.36 -30.90 -7.20
CA ALA B 49 5.33 -30.98 -6.12
C ALA B 49 4.59 -31.42 -4.87
N THR B 50 4.93 -32.61 -4.38
CA THR B 50 4.27 -33.14 -3.20
C THR B 50 5.27 -33.64 -2.15
N ASP B 51 4.75 -33.96 -0.98
CA ASP B 51 5.57 -34.45 0.14
C ASP B 51 5.21 -35.89 0.51
N ASP B 52 4.17 -36.42 -0.15
CA ASP B 52 3.65 -37.75 0.14
C ASP B 52 3.72 -38.74 -1.04
N PRO B 53 4.18 -39.99 -0.76
CA PRO B 53 4.30 -41.06 -1.75
C PRO B 53 2.95 -41.44 -2.37
N ARG B 54 1.89 -41.32 -1.59
CA ARG B 54 0.55 -41.64 -2.06
C ARG B 54 0.12 -40.66 -3.15
N VAL B 55 0.48 -39.39 -2.99
CA VAL B 55 0.13 -38.39 -3.97
C VAL B 55 1.02 -38.58 -5.20
N GLU B 56 2.30 -38.87 -4.98
CA GLU B 56 3.23 -39.08 -6.09
C GLU B 56 2.76 -40.24 -6.97
N GLN B 57 2.35 -41.32 -6.34
CA GLN B 57 1.88 -42.48 -7.08
C GLN B 57 0.63 -42.21 -7.88
N ALA B 58 -0.32 -41.49 -7.29
CA ALA B 58 -1.57 -41.18 -7.99
C ALA B 58 -1.30 -40.36 -9.25
N VAL B 59 -0.36 -39.42 -9.15
CA VAL B 59 -0.03 -38.57 -10.29
C VAL B 59 0.56 -39.41 -11.42
N GLN B 60 1.54 -40.24 -11.08
CA GLN B 60 2.16 -41.11 -12.08
C GLN B 60 1.15 -42.08 -12.68
N ALA B 61 0.14 -42.46 -11.90
CA ALA B 61 -0.89 -43.39 -12.38
C ALA B 61 -1.69 -42.83 -13.54
N PHE B 62 -1.83 -41.51 -13.61
CA PHE B 62 -2.59 -40.91 -14.72
C PHE B 62 -1.76 -40.32 -15.85
N GLY B 63 -0.44 -40.45 -15.74
CA GLY B 63 0.44 -39.94 -16.77
C GLY B 63 1.06 -38.60 -16.46
N GLY B 64 1.01 -38.20 -15.19
CA GLY B 64 1.57 -36.93 -14.80
C GLY B 64 3.00 -37.03 -14.31
N LYS B 65 3.63 -35.87 -14.18
CA LYS B 65 5.00 -35.76 -13.69
C LYS B 65 4.89 -35.28 -12.25
N ALA B 66 5.63 -35.92 -11.36
CA ALA B 66 5.61 -35.56 -9.95
C ALA B 66 7.00 -35.48 -9.36
N ILE B 67 7.18 -34.59 -8.39
CA ILE B 67 8.46 -34.44 -7.73
C ILE B 67 8.27 -34.40 -6.23
N MET B 68 9.05 -35.22 -5.54
CA MET B 68 9.01 -35.29 -4.08
C MET B 68 9.81 -34.14 -3.49
N THR B 69 9.18 -33.40 -2.59
CA THR B 69 9.82 -32.28 -1.92
C THR B 69 9.78 -32.52 -0.41
N ARG B 70 10.44 -31.66 0.36
CA ARG B 70 10.49 -31.80 1.82
C ARG B 70 9.14 -31.58 2.48
N ASN B 71 8.95 -32.22 3.65
CA ASN B 71 7.71 -32.08 4.39
C ASN B 71 7.76 -30.97 5.45
N ASP B 72 8.92 -30.32 5.58
CA ASP B 72 9.09 -29.24 6.56
C ASP B 72 8.84 -27.82 6.04
N HIS B 73 8.26 -27.71 4.84
CA HIS B 73 7.94 -26.41 4.26
C HIS B 73 6.63 -25.91 4.86
N GLU B 74 6.56 -24.64 5.25
CA GLU B 74 5.33 -24.09 5.82
C GLU B 74 4.48 -23.42 4.74
N SER B 75 5.07 -23.19 3.58
CA SER B 75 4.37 -22.54 2.48
C SER B 75 4.60 -23.21 1.13
N GLY B 76 3.61 -23.06 0.26
CA GLY B 76 3.71 -23.61 -1.08
C GLY B 76 4.74 -22.85 -1.88
N THR B 77 5.19 -21.70 -1.37
CA THR B 77 6.20 -20.89 -2.03
C THR B 77 7.58 -21.46 -1.73
N ASP B 78 7.78 -21.93 -0.51
CA ASP B 78 9.08 -22.52 -0.16
C ASP B 78 9.22 -23.83 -0.90
N ARG B 79 8.10 -24.46 -1.19
CA ARG B 79 8.09 -25.73 -1.91
C ARG B 79 8.52 -25.45 -3.35
N LEU B 80 8.13 -24.29 -3.88
CA LEU B 80 8.47 -23.90 -5.24
C LEU B 80 9.98 -23.58 -5.34
N VAL B 81 10.54 -22.99 -4.29
CA VAL B 81 11.96 -22.66 -4.28
C VAL B 81 12.78 -23.95 -4.39
N GLU B 82 12.35 -25.02 -3.72
CA GLU B 82 13.05 -26.30 -3.77
C GLU B 82 13.02 -26.90 -5.16
N VAL B 83 11.89 -26.74 -5.84
CA VAL B 83 11.70 -27.27 -7.19
C VAL B 83 12.55 -26.49 -8.21
N MET B 84 12.65 -25.19 -8.02
CA MET B 84 13.42 -24.30 -8.89
C MET B 84 14.86 -24.78 -9.08
N HIS B 85 15.42 -25.37 -8.04
CA HIS B 85 16.79 -25.90 -8.09
C HIS B 85 16.91 -27.14 -8.95
N LYS B 86 15.83 -27.90 -9.08
CA LYS B 86 15.81 -29.14 -9.86
C LYS B 86 15.27 -28.99 -11.27
N VAL B 87 14.30 -28.10 -11.44
CA VAL B 87 13.67 -27.85 -12.75
C VAL B 87 13.99 -26.43 -13.24
N GLU B 88 14.85 -26.35 -14.25
CA GLU B 88 15.29 -25.06 -14.81
C GLU B 88 14.31 -24.38 -15.74
N ALA B 89 14.06 -23.10 -15.48
CA ALA B 89 13.15 -22.28 -16.28
C ALA B 89 13.39 -20.80 -16.00
N ASP B 90 12.89 -19.95 -16.89
CA ASP B 90 13.01 -18.51 -16.73
C ASP B 90 11.82 -17.99 -15.92
N ILE B 91 10.65 -18.59 -16.13
CA ILE B 91 9.42 -18.20 -15.44
C ILE B 91 8.74 -19.41 -14.79
N TYR B 92 8.41 -19.28 -13.51
CA TYR B 92 7.71 -20.33 -12.77
C TYR B 92 6.30 -19.86 -12.39
N ILE B 93 5.30 -20.67 -12.73
CA ILE B 93 3.93 -20.34 -12.36
C ILE B 93 3.49 -21.28 -11.24
N ASN B 94 2.93 -20.68 -10.19
CA ASN B 94 2.47 -21.44 -9.02
C ASN B 94 0.93 -21.52 -8.98
N LEU B 95 0.41 -22.71 -9.28
CA LEU B 95 -1.02 -22.94 -9.27
C LEU B 95 -1.40 -23.69 -8.00
N GLN B 96 -2.52 -23.32 -7.39
CA GLN B 96 -2.97 -23.97 -6.17
C GLN B 96 -3.58 -25.36 -6.45
N GLY B 97 -3.08 -26.38 -5.75
CA GLY B 97 -3.56 -27.74 -5.92
C GLY B 97 -5.02 -27.97 -5.54
N ASP B 98 -5.59 -27.02 -4.80
CA ASP B 98 -6.97 -27.13 -4.35
C ASP B 98 -7.97 -26.25 -5.08
N GLU B 99 -7.62 -25.81 -6.28
CA GLU B 99 -8.51 -24.99 -7.07
C GLU B 99 -8.69 -25.65 -8.43
N PRO B 100 -9.54 -26.69 -8.48
CA PRO B 100 -9.81 -27.44 -9.71
C PRO B 100 -10.61 -26.72 -10.79
N MET B 101 -11.17 -25.56 -10.48
CA MET B 101 -11.97 -24.82 -11.45
C MET B 101 -11.22 -23.69 -12.16
N ILE B 102 -9.90 -23.74 -12.10
CA ILE B 102 -9.03 -22.75 -12.73
C ILE B 102 -9.27 -22.71 -14.24
N ARG B 103 -9.32 -21.52 -14.82
CA ARG B 103 -9.50 -21.37 -16.25
C ARG B 103 -8.15 -21.24 -16.94
N PRO B 104 -7.83 -22.14 -17.89
CA PRO B 104 -6.54 -22.09 -18.61
C PRO B 104 -6.21 -20.73 -19.23
N ARG B 105 -7.24 -20.00 -19.65
CA ARG B 105 -7.05 -18.68 -20.26
C ARG B 105 -6.53 -17.64 -19.24
N ASP B 106 -6.93 -17.80 -17.98
CA ASP B 106 -6.50 -16.90 -16.94
C ASP B 106 -5.01 -17.05 -16.67
N VAL B 107 -4.49 -18.27 -16.84
CA VAL B 107 -3.07 -18.51 -16.62
C VAL B 107 -2.29 -17.95 -17.83
N GLU B 108 -2.90 -17.98 -19.01
CA GLU B 108 -2.29 -17.45 -20.22
C GLU B 108 -2.19 -15.92 -20.14
N THR B 109 -3.18 -15.29 -19.51
CA THR B 109 -3.18 -13.83 -19.34
C THR B 109 -1.98 -13.46 -18.49
N LEU B 110 -1.75 -14.26 -17.46
CA LEU B 110 -0.64 -14.07 -16.53
C LEU B 110 0.72 -14.25 -17.20
N LEU B 111 0.85 -15.33 -17.97
CA LEU B 111 2.09 -15.66 -18.68
C LEU B 111 2.40 -14.59 -19.74
N GLN B 112 1.36 -14.13 -20.43
CA GLN B 112 1.50 -13.10 -21.46
C GLN B 112 2.03 -11.81 -20.84
N GLY B 113 1.54 -11.52 -19.64
CA GLY B 113 1.97 -10.33 -18.93
C GLY B 113 3.45 -10.39 -18.64
N MET B 114 3.93 -11.56 -18.21
CA MET B 114 5.34 -11.72 -17.89
C MET B 114 6.20 -11.58 -19.14
N ARG B 115 5.70 -12.08 -20.25
CA ARG B 115 6.42 -12.02 -21.51
C ARG B 115 6.43 -10.63 -22.16
N ASP B 116 5.37 -9.85 -21.93
CA ASP B 116 5.29 -8.50 -22.48
C ASP B 116 6.15 -7.47 -21.74
N ASP B 117 6.69 -7.86 -20.58
CA ASP B 117 7.53 -6.99 -19.78
C ASP B 117 8.64 -7.81 -19.09
N PRO B 118 9.82 -7.89 -19.74
CA PRO B 118 10.99 -8.61 -19.25
C PRO B 118 11.50 -8.11 -17.90
N ALA B 119 11.15 -6.88 -17.54
CA ALA B 119 11.58 -6.31 -16.28
C ALA B 119 10.69 -6.70 -15.10
N LEU B 120 9.50 -7.23 -15.38
CA LEU B 120 8.56 -7.61 -14.34
C LEU B 120 8.98 -8.87 -13.59
N PRO B 121 9.23 -8.74 -12.28
CA PRO B 121 9.66 -9.85 -11.42
C PRO B 121 8.52 -10.83 -11.06
N VAL B 122 7.38 -10.30 -10.61
CA VAL B 122 6.26 -11.13 -10.20
C VAL B 122 4.92 -10.58 -10.72
N ALA B 123 4.03 -11.51 -11.04
CA ALA B 123 2.71 -11.19 -11.54
C ALA B 123 1.67 -12.04 -10.80
N THR B 124 0.49 -11.49 -10.62
CA THR B 124 -0.57 -12.25 -9.95
C THR B 124 -1.92 -11.83 -10.54
N LEU B 125 -3.00 -12.43 -10.05
CA LEU B 125 -4.33 -12.12 -10.56
C LEU B 125 -5.28 -11.51 -9.54
N CYS B 126 -6.37 -10.94 -10.04
CA CYS B 126 -7.41 -10.35 -9.20
C CYS B 126 -8.73 -10.24 -9.98
N HIS B 127 -9.84 -10.08 -9.25
CA HIS B 127 -11.14 -9.88 -9.87
C HIS B 127 -11.98 -9.01 -8.96
N ALA B 128 -12.93 -8.32 -9.55
CA ALA B 128 -13.81 -7.42 -8.82
C ALA B 128 -14.75 -8.15 -7.86
N ILE B 129 -15.04 -7.50 -6.73
CA ILE B 129 -15.94 -8.04 -5.71
C ILE B 129 -16.73 -6.86 -5.16
N SER B 130 -17.87 -7.15 -4.54
CA SER B 130 -18.71 -6.11 -3.97
C SER B 130 -18.14 -5.54 -2.68
N ALA B 131 -18.71 -4.42 -2.23
CA ALA B 131 -18.26 -3.79 -1.00
C ALA B 131 -18.54 -4.73 0.16
N ALA B 132 -19.64 -5.47 0.06
CA ALA B 132 -20.04 -6.42 1.08
C ALA B 132 -19.03 -7.55 1.25
N GLU B 133 -18.64 -8.17 0.14
CA GLU B 133 -17.66 -9.27 0.18
C GLU B 133 -16.29 -8.78 0.66
N ALA B 134 -16.00 -7.50 0.40
CA ALA B 134 -14.73 -6.89 0.79
C ALA B 134 -14.54 -6.71 2.29
N ALA B 135 -15.65 -6.62 3.04
CA ALA B 135 -15.59 -6.44 4.49
C ALA B 135 -15.10 -7.68 5.24
N GLU B 136 -15.04 -8.82 4.55
CA GLU B 136 -14.62 -10.09 5.12
C GLU B 136 -13.10 -10.24 5.25
N PRO B 137 -12.60 -10.51 6.46
CA PRO B 137 -11.18 -10.68 6.72
C PRO B 137 -10.55 -11.87 6.02
N SER B 138 -11.37 -12.83 5.57
CA SER B 138 -10.88 -14.01 4.88
C SER B 138 -10.56 -13.74 3.41
N THR B 139 -11.15 -12.69 2.86
CA THR B 139 -10.92 -12.31 1.47
C THR B 139 -9.79 -11.27 1.45
N VAL B 140 -8.77 -11.52 0.64
CA VAL B 140 -7.65 -10.61 0.52
C VAL B 140 -7.91 -9.57 -0.57
N LYS B 141 -7.84 -8.30 -0.17
CA LYS B 141 -8.04 -7.17 -1.08
C LYS B 141 -6.71 -6.61 -1.57
N VAL B 142 -6.72 -6.07 -2.78
CA VAL B 142 -5.54 -5.48 -3.38
C VAL B 142 -5.94 -4.17 -4.03
N VAL B 143 -5.07 -3.17 -3.90
CA VAL B 143 -5.28 -1.86 -4.52
C VAL B 143 -4.09 -1.64 -5.45
N VAL B 144 -4.37 -1.26 -6.69
CA VAL B 144 -3.34 -1.05 -7.71
C VAL B 144 -3.27 0.38 -8.23
N ASN B 145 -2.22 0.67 -9.01
CA ASN B 145 -2.03 1.98 -9.60
C ASN B 145 -2.37 1.91 -11.10
N THR B 146 -2.05 2.97 -11.84
CA THR B 146 -2.35 2.99 -13.28
C THR B 146 -1.70 1.88 -14.10
N ARG B 147 -0.48 1.46 -13.74
CA ARG B 147 0.18 0.38 -14.47
C ARG B 147 -0.25 -0.99 -13.94
N GLN B 148 -1.25 -0.99 -13.06
CA GLN B 148 -1.76 -2.23 -12.46
C GLN B 148 -0.80 -2.88 -11.46
N ASP B 149 0.15 -2.10 -10.97
CA ASP B 149 1.11 -2.57 -9.99
C ASP B 149 0.42 -2.50 -8.64
N ALA B 150 0.61 -3.53 -7.82
CA ALA B 150 -0.01 -3.57 -6.49
C ALA B 150 0.64 -2.57 -5.55
N LEU B 151 -0.19 -1.82 -4.84
CA LEU B 151 0.28 -0.86 -3.85
C LEU B 151 0.37 -1.55 -2.49
N TYR B 152 -0.61 -2.40 -2.19
CA TYR B 152 -0.67 -3.14 -0.92
C TYR B 152 -1.76 -4.22 -0.98
N PHE B 153 -1.58 -5.26 -0.15
CA PHE B 153 -2.51 -6.39 -0.03
C PHE B 153 -2.97 -6.41 1.44
N SER B 154 -4.28 -6.48 1.66
CA SER B 154 -4.78 -6.48 3.04
C SER B 154 -6.08 -7.23 3.27
N ARG B 155 -6.32 -7.58 4.54
CA ARG B 155 -7.56 -8.23 4.93
C ARG B 155 -8.55 -7.11 5.30
N SER B 156 -8.03 -5.90 5.50
CA SER B 156 -8.87 -4.74 5.79
C SER B 156 -9.47 -4.24 4.48
N PRO B 157 -10.70 -3.71 4.51
CA PRO B 157 -11.29 -3.22 3.27
C PRO B 157 -10.52 -1.99 2.78
N ILE B 158 -9.82 -2.15 1.67
CA ILE B 158 -9.08 -1.04 1.06
C ILE B 158 -9.51 -1.01 -0.40
N PRO B 159 -9.82 0.18 -0.94
CA PRO B 159 -9.79 1.48 -0.24
C PRO B 159 -10.92 1.69 0.74
N TYR B 160 -10.63 2.40 1.83
CA TYR B 160 -11.62 2.72 2.84
C TYR B 160 -12.72 3.54 2.15
N PRO B 161 -13.99 3.15 2.35
CA PRO B 161 -15.14 3.83 1.75
C PRO B 161 -15.62 5.16 2.33
N ARG B 162 -14.78 6.19 2.31
CA ARG B 162 -15.18 7.51 2.81
C ARG B 162 -16.31 7.99 1.89
N ASN B 163 -16.08 7.84 0.58
CA ASN B 163 -17.07 8.18 -0.45
C ASN B 163 -17.38 6.82 -1.05
N ALA B 164 -18.37 6.16 -0.44
CA ALA B 164 -18.77 4.81 -0.83
C ALA B 164 -18.98 4.53 -2.30
N GLU B 165 -19.71 5.40 -3.00
CA GLU B 165 -19.97 5.18 -4.42
C GLU B 165 -18.74 5.28 -5.33
N LYS B 166 -17.62 5.74 -4.77
CA LYS B 166 -16.38 5.87 -5.53
C LYS B 166 -15.50 4.65 -5.38
N ALA B 167 -15.65 3.95 -4.25
CA ALA B 167 -14.86 2.76 -3.95
C ALA B 167 -15.15 1.55 -4.84
N ARG B 168 -14.09 0.98 -5.40
CA ARG B 168 -14.19 -0.20 -6.25
C ARG B 168 -13.22 -1.20 -5.64
N TYR B 169 -13.67 -2.42 -5.36
CA TYR B 169 -12.83 -3.43 -4.74
C TYR B 169 -12.32 -4.58 -5.62
N LEU B 170 -11.14 -5.07 -5.28
CA LEU B 170 -10.52 -6.17 -6.02
C LEU B 170 -10.11 -7.29 -5.09
N LYS B 171 -10.46 -8.52 -5.45
CA LYS B 171 -10.09 -9.69 -4.66
C LYS B 171 -8.85 -10.29 -5.30
N HIS B 172 -7.86 -10.61 -4.48
CA HIS B 172 -6.62 -11.21 -4.96
C HIS B 172 -6.77 -12.72 -5.21
N VAL B 173 -6.52 -13.15 -6.44
CA VAL B 173 -6.60 -14.56 -6.81
C VAL B 173 -5.18 -15.10 -6.67
N GLY B 174 -5.00 -16.01 -5.71
CA GLY B 174 -3.69 -16.59 -5.39
C GLY B 174 -2.86 -17.42 -6.36
N ILE B 175 -2.69 -16.93 -7.59
CA ILE B 175 -1.86 -17.62 -8.57
C ILE B 175 -0.73 -16.64 -8.84
N TYR B 176 0.50 -17.16 -8.91
CA TYR B 176 1.66 -16.31 -9.16
C TYR B 176 2.52 -16.77 -10.33
N ALA B 177 3.26 -15.83 -10.91
CA ALA B 177 4.22 -16.07 -11.97
C ALA B 177 5.50 -15.43 -11.44
N TYR B 178 6.55 -16.22 -11.27
CA TYR B 178 7.83 -15.75 -10.74
C TYR B 178 8.98 -15.85 -11.73
N ARG B 179 9.84 -14.84 -11.75
CA ARG B 179 11.03 -14.83 -12.59
C ARG B 179 12.03 -15.66 -11.78
N ARG B 180 12.91 -16.40 -12.45
CA ARG B 180 13.87 -17.24 -11.74
C ARG B 180 14.73 -16.55 -10.67
N ASP B 181 15.20 -15.34 -10.97
CA ASP B 181 16.05 -14.62 -10.03
C ASP B 181 15.34 -14.26 -8.72
N VAL B 182 14.02 -14.14 -8.77
CA VAL B 182 13.25 -13.81 -7.58
C VAL B 182 13.30 -14.99 -6.63
N LEU B 183 13.10 -16.18 -7.18
CA LEU B 183 13.12 -17.40 -6.39
C LEU B 183 14.53 -17.72 -5.87
N GLN B 184 15.55 -17.32 -6.63
CA GLN B 184 16.92 -17.55 -6.19
C GLN B 184 17.28 -16.70 -4.97
N ASN B 185 16.64 -15.54 -4.83
CA ASN B 185 16.90 -14.65 -3.69
C ASN B 185 15.82 -14.74 -2.61
N TYR B 186 14.86 -15.62 -2.80
CA TYR B 186 13.77 -15.72 -1.85
C TYR B 186 14.11 -16.05 -0.41
N SER B 187 14.91 -17.10 -0.20
CA SER B 187 15.29 -17.53 1.15
C SER B 187 16.05 -16.46 1.92
N GLN B 188 16.61 -15.49 1.22
CA GLN B 188 17.35 -14.41 1.87
C GLN B 188 16.44 -13.29 2.38
N LEU B 189 15.21 -13.24 1.90
CA LEU B 189 14.27 -12.17 2.31
C LEU B 189 13.76 -12.37 3.73
N PRO B 190 13.86 -11.32 4.57
CA PRO B 190 13.39 -11.39 5.96
C PRO B 190 11.86 -11.24 6.07
N GLU B 191 11.26 -11.90 7.05
CA GLU B 191 9.81 -11.78 7.26
C GLU B 191 9.55 -10.33 7.64
N SER B 192 8.41 -9.81 7.22
CA SER B 192 8.08 -8.42 7.52
C SER B 192 7.01 -8.27 8.57
N MET B 193 6.98 -7.09 9.19
CA MET B 193 5.96 -6.80 10.19
C MET B 193 4.55 -6.89 9.58
N PRO B 194 4.32 -6.24 8.41
CA PRO B 194 2.99 -6.33 7.80
C PRO B 194 2.61 -7.76 7.43
N GLU B 195 3.59 -8.54 6.96
CA GLU B 195 3.33 -9.94 6.62
C GLU B 195 2.86 -10.74 7.83
N GLN B 196 3.57 -10.59 8.95
CA GLN B 196 3.24 -11.29 10.18
C GLN B 196 1.90 -10.87 10.79
N ALA B 197 1.59 -9.59 10.75
CA ALA B 197 0.33 -9.08 11.30
C ALA B 197 -0.87 -9.51 10.47
N GLU B 198 -0.73 -9.40 9.16
CA GLU B 198 -1.81 -9.76 8.23
C GLU B 198 -1.88 -11.25 7.93
N SER B 199 -0.74 -11.93 8.04
CA SER B 199 -0.58 -13.33 7.73
C SER B 199 -0.82 -13.47 6.23
N LEU B 200 0.01 -12.75 5.47
CA LEU B 200 0.00 -12.70 4.00
C LEU B 200 1.47 -12.71 3.56
N GLU B 201 1.90 -13.86 3.03
CA GLU B 201 3.27 -14.09 2.59
C GLU B 201 3.73 -13.22 1.43
N GLN B 202 2.83 -12.84 0.52
CA GLN B 202 3.22 -11.99 -0.60
C GLN B 202 3.77 -10.63 -0.16
N LEU B 203 3.47 -10.25 1.09
CA LEU B 203 3.95 -8.98 1.64
C LEU B 203 5.46 -9.01 1.94
N ARG B 204 6.05 -10.20 1.95
CA ARG B 204 7.49 -10.32 2.19
C ARG B 204 8.18 -9.73 0.97
N LEU B 205 7.55 -9.93 -0.18
CA LEU B 205 8.06 -9.42 -1.47
C LEU B 205 7.99 -7.90 -1.54
N MET B 206 6.85 -7.35 -1.18
CA MET B 206 6.64 -5.90 -1.22
C MET B 206 7.55 -5.16 -0.25
N ASN B 207 7.82 -5.79 0.90
CA ASN B 207 8.69 -5.22 1.91
C ASN B 207 10.10 -5.06 1.34
N ALA B 208 10.49 -5.98 0.46
CA ALA B 208 11.81 -5.94 -0.16
C ALA B 208 11.87 -5.02 -1.37
N GLY B 209 10.74 -4.44 -1.75
CA GLY B 209 10.71 -3.57 -2.90
C GLY B 209 10.57 -4.27 -4.22
N ILE B 210 10.08 -5.51 -4.20
CA ILE B 210 9.90 -6.29 -5.42
C ILE B 210 8.50 -5.99 -5.95
N ASN B 211 8.43 -5.53 -7.21
CA ASN B 211 7.16 -5.19 -7.83
C ASN B 211 6.31 -6.41 -8.21
N ILE B 212 5.01 -6.31 -7.90
CA ILE B 212 4.05 -7.36 -8.20
C ILE B 212 2.94 -6.74 -9.03
N ARG B 213 2.85 -7.10 -10.32
CA ARG B 213 1.79 -6.57 -11.17
C ARG B 213 0.59 -7.48 -11.10
N THR B 214 -0.59 -6.87 -10.92
CA THR B 214 -1.84 -7.62 -10.81
C THR B 214 -2.71 -7.47 -12.04
N PHE B 215 -3.03 -8.60 -12.68
CA PHE B 215 -3.89 -8.63 -13.87
C PHE B 215 -5.32 -8.98 -13.47
N GLU B 216 -6.29 -8.29 -14.05
CA GLU B 216 -7.70 -8.52 -13.74
C GLU B 216 -8.43 -9.49 -14.66
N VAL B 217 -9.12 -10.45 -14.05
CA VAL B 217 -9.89 -11.46 -14.78
C VAL B 217 -11.30 -11.46 -14.22
N ALA B 218 -12.15 -12.33 -14.76
CA ALA B 218 -13.53 -12.44 -14.29
C ALA B 218 -13.55 -13.25 -12.99
N ALA B 219 -14.64 -13.15 -12.24
CA ALA B 219 -14.78 -13.88 -10.98
C ALA B 219 -14.42 -15.36 -11.13
N THR B 220 -13.64 -15.88 -10.17
CA THR B 220 -13.19 -17.27 -10.19
C THR B 220 -14.04 -18.20 -9.33
N GLY B 221 -13.93 -19.51 -9.61
CA GLY B 221 -14.66 -20.51 -8.85
C GLY B 221 -14.01 -20.72 -7.50
N PRO B 222 -14.71 -21.32 -6.54
CA PRO B 222 -14.19 -21.58 -5.20
C PRO B 222 -13.13 -22.68 -5.10
N GLY B 223 -12.29 -22.55 -4.07
CA GLY B 223 -11.25 -23.54 -3.81
C GLY B 223 -11.82 -24.54 -2.83
N VAL B 224 -11.08 -25.60 -2.55
CA VAL B 224 -11.55 -26.63 -1.62
C VAL B 224 -10.71 -26.65 -0.35
N ASP B 225 -11.24 -26.05 0.72
CA ASP B 225 -10.54 -26.00 2.02
C ASP B 225 -11.31 -26.80 3.04
N THR B 226 -12.62 -26.55 3.06
CA THR B 226 -13.56 -27.18 3.99
C THR B 226 -14.43 -28.19 3.25
N PRO B 227 -14.98 -29.19 3.96
CA PRO B 227 -15.85 -30.18 3.32
C PRO B 227 -17.13 -29.60 2.73
N ALA B 228 -17.47 -28.36 3.13
CA ALA B 228 -18.66 -27.69 2.62
C ALA B 228 -18.37 -27.19 1.21
N CYS B 229 -17.16 -26.66 1.01
CA CYS B 229 -16.72 -26.15 -0.28
C CYS B 229 -16.59 -27.30 -1.27
N LEU B 230 -16.14 -28.45 -0.78
CA LEU B 230 -15.93 -29.65 -1.59
C LEU B 230 -17.21 -30.13 -2.24
N GLU B 231 -18.32 -30.08 -1.50
CA GLU B 231 -19.62 -30.50 -2.02
C GLU B 231 -20.12 -29.51 -3.07
N LYS B 232 -19.82 -28.23 -2.86
CA LYS B 232 -20.23 -27.18 -3.76
C LYS B 232 -19.50 -27.31 -5.11
N VAL B 233 -18.20 -27.55 -5.04
CA VAL B 233 -17.38 -27.72 -6.24
C VAL B 233 -17.81 -28.98 -6.99
N ARG B 234 -18.21 -30.02 -6.27
CA ARG B 234 -18.66 -31.26 -6.90
C ARG B 234 -19.94 -30.99 -7.66
N ALA B 235 -20.84 -30.22 -7.04
CA ALA B 235 -22.11 -29.87 -7.65
C ALA B 235 -21.82 -29.07 -8.93
N LEU B 236 -20.95 -28.08 -8.80
CA LEU B 236 -20.56 -27.20 -9.91
C LEU B 236 -19.90 -27.91 -11.08
N MET B 237 -18.92 -28.75 -10.79
CA MET B 237 -18.20 -29.48 -11.84
C MET B 237 -19.08 -30.53 -12.51
N ALA B 238 -20.11 -30.98 -11.82
CA ALA B 238 -21.03 -31.98 -12.36
C ALA B 238 -21.94 -31.35 -13.42
N GLN B 239 -22.52 -30.19 -13.11
CA GLN B 239 -23.42 -29.50 -14.03
C GLN B 239 -22.69 -28.91 -15.23
N GLU B 240 -21.36 -28.85 -15.13
CA GLU B 240 -20.51 -28.32 -16.19
C GLU B 240 -20.27 -29.45 -17.21
N LEU B 241 -21.00 -30.54 -17.05
CA LEU B 241 -20.90 -31.70 -17.95
C LEU B 241 -22.23 -31.97 -18.67
#